data_1UHI
#
_entry.id   1UHI
#
_cell.length_a   34.263
_cell.length_b   54.432
_cell.length_c   57.523
_cell.angle_alpha   102.05
_cell.angle_beta   99.70
_cell.angle_gamma   103.80
#
_symmetry.space_group_name_H-M   'P 1'
#
loop_
_entity.id
_entity.type
_entity.pdbx_description
1 polymer 'Aequorin 2'
2 non-polymer (2R)-8-BENZYL-2-HYDROPEROXY-6-(4-HYDROXYPHENYL)-2-(4-IODOBENZYL)-7,8-DIHYDROIMIDAZO[1,2-A]PYRAZIN-3(2H)-ONE
3 water water
#
_entity_poly.entity_id   1
_entity_poly.type   'polypeptide(L)'
_entity_poly.pdbx_seq_one_letter_code
;ANSKLTSDFDNPRWIGRHKHMFNFLDVNHNGKISLDEMVYKASDIVINNLGATPEQAKRHKDAVEAFFGGAGMKYGVETD
WPAYIEGWKKLATDELEKYAKNEPTLIRIWGDALFDIVDKDQNGAITLDEWKAYTKAAGIIQSSEDCEETFRVCDIDESG
QLDVDEMTRQHLGFWYTMDPACEKLYGGAVP
;
_entity_poly.pdbx_strand_id   A,B
#
loop_
_chem_comp.id
_chem_comp.type
_chem_comp.name
_chem_comp.formula
CZI non-polymer (2R)-8-BENZYL-2-HYDROPEROXY-6-(4-HYDROXYPHENYL)-2-(4-IODOBENZYL)-7,8-DIHYDROIMIDAZO[1,2-A]PYRAZIN-3(2H)-ONE 'C26 H22 I N3 O4'
#
# COMPACT_ATOMS: atom_id res chain seq x y z
N ALA A 1 -7.45 -5.20 9.93
CA ALA A 1 -6.90 -5.24 8.56
C ALA A 1 -5.72 -4.30 8.33
N ASN A 2 -4.67 -4.72 7.65
CA ASN A 2 -3.50 -3.84 7.45
C ASN A 2 -3.65 -2.78 6.34
N SER A 3 -4.47 -3.04 5.36
CA SER A 3 -4.79 -2.07 4.33
C SER A 3 -6.31 -1.81 4.32
N LYS A 4 -6.67 -0.64 3.84
CA LYS A 4 -8.05 -0.29 3.59
C LYS A 4 -8.33 -0.45 2.10
N LEU A 5 -9.11 -1.47 1.79
CA LEU A 5 -9.28 -1.88 0.41
C LEU A 5 -10.71 -1.73 -0.02
N THR A 6 -10.88 -1.02 -1.13
CA THR A 6 -12.19 -0.71 -1.69
C THR A 6 -12.20 -1.05 -3.19
N SER A 7 -13.36 -1.41 -3.72
CA SER A 7 -13.46 -1.83 -5.10
C SER A 7 -13.41 -0.61 -6.01
N ASP A 8 -13.12 -0.86 -7.30
CA ASP A 8 -13.13 0.15 -8.35
C ASP A 8 -13.64 -0.52 -9.67
N PHE A 9 -14.87 -1.04 -9.62
CA PHE A 9 -15.48 -1.85 -10.69
C PHE A 9 -15.79 -1.10 -12.01
N ASP A 10 -15.98 0.21 -11.93
CA ASP A 10 -16.27 1.01 -13.13
C ASP A 10 -14.99 1.45 -13.88
N ASN A 11 -13.85 1.18 -13.32
CA ASN A 11 -12.56 1.50 -13.95
C ASN A 11 -12.43 0.53 -15.13
N PRO A 12 -12.26 1.05 -16.35
CA PRO A 12 -12.06 0.20 -17.53
C PRO A 12 -10.81 -0.65 -17.46
N ARG A 13 -9.79 -0.20 -16.72
CA ARG A 13 -8.57 -0.97 -16.55
C ARG A 13 -8.82 -2.20 -15.65
N TRP A 14 -9.78 -2.11 -14.71
CA TRP A 14 -10.17 -3.30 -13.92
C TRP A 14 -10.99 -4.31 -14.77
N ILE A 15 -11.96 -3.80 -15.51
CA ILE A 15 -12.80 -4.62 -16.39
C ILE A 15 -11.92 -5.31 -17.43
N GLY A 16 -10.95 -4.57 -17.95
CA GLY A 16 -10.10 -5.06 -19.03
C GLY A 16 -9.02 -6.06 -18.52
N ARG A 17 -8.61 -5.92 -17.27
CA ARG A 17 -7.71 -6.88 -16.62
C ARG A 17 -8.35 -8.24 -16.59
N HIS A 18 -9.58 -8.28 -16.10
CA HIS A 18 -10.32 -9.54 -16.10
C HIS A 18 -10.75 -10.03 -17.50
N LYS A 19 -10.94 -9.12 -18.48
CA LYS A 19 -11.22 -9.54 -19.83
C LYS A 19 -10.01 -10.22 -20.46
N HIS A 20 -8.84 -9.68 -20.19
CA HIS A 20 -7.57 -10.28 -20.57
C HIS A 20 -7.53 -11.72 -20.07
N MET A 21 -7.86 -11.89 -18.79
CA MET A 21 -7.82 -13.28 -18.24
C MET A 21 -8.90 -14.18 -18.82
N PHE A 22 -10.12 -13.70 -18.96
CA PHE A 22 -11.19 -14.43 -19.67
C PHE A 22 -10.71 -14.96 -21.02
N ASN A 23 -10.13 -14.07 -21.85
CA ASN A 23 -9.62 -14.46 -23.17
C ASN A 23 -8.51 -15.56 -23.07
N PHE A 24 -7.63 -15.32 -22.15
CA PHE A 24 -6.53 -16.24 -21.87
C PHE A 24 -7.06 -17.60 -21.44
N LEU A 25 -8.15 -17.63 -20.67
CA LEU A 25 -8.77 -18.89 -20.20
C LEU A 25 -9.59 -19.62 -21.22
N ASP A 26 -10.14 -18.82 -22.14
CA ASP A 26 -11.02 -19.29 -23.23
C ASP A 26 -10.12 -19.68 -24.38
N VAL A 27 -9.34 -20.74 -24.21
CA VAL A 27 -8.27 -21.06 -25.20
C VAL A 27 -8.79 -21.43 -26.58
N ASN A 28 -10.03 -21.89 -26.63
CA ASN A 28 -10.62 -22.24 -27.92
C ASN A 28 -11.62 -21.21 -28.42
N HIS A 29 -11.54 -20.01 -27.85
CA HIS A 29 -12.41 -18.89 -28.27
C HIS A 29 -13.90 -19.25 -28.47
N ASN A 30 -14.47 -19.98 -27.54
CA ASN A 30 -15.88 -20.26 -27.54
C ASN A 30 -16.76 -19.04 -27.07
N GLY A 31 -16.13 -18.04 -26.45
CA GLY A 31 -16.78 -16.90 -25.77
C GLY A 31 -17.51 -17.30 -24.48
N LYS A 32 -17.22 -18.49 -24.03
CA LYS A 32 -17.64 -19.00 -22.74
C LYS A 32 -16.63 -20.00 -22.22
N ILE A 33 -16.52 -20.05 -20.89
CA ILE A 33 -15.74 -21.04 -20.19
C ILE A 33 -16.54 -21.68 -19.05
N SER A 34 -16.12 -22.88 -18.63
CA SER A 34 -16.79 -23.65 -17.59
C SER A 34 -15.88 -23.92 -16.38
N LEU A 35 -16.48 -24.21 -15.28
CA LEU A 35 -15.76 -24.68 -14.13
C LEU A 35 -15.00 -25.97 -14.38
N ASP A 36 -15.57 -26.84 -15.18
CA ASP A 36 -14.94 -28.08 -15.55
C ASP A 36 -13.56 -27.78 -16.17
N GLU A 37 -13.53 -26.77 -17.03
CA GLU A 37 -12.29 -26.36 -17.75
C GLU A 37 -11.28 -25.77 -16.78
N MET A 38 -11.73 -24.89 -15.92
CA MET A 38 -10.87 -24.23 -14.96
C MET A 38 -10.23 -25.21 -14.04
N VAL A 39 -10.99 -26.14 -13.46
CA VAL A 39 -10.34 -27.10 -12.53
C VAL A 39 -9.48 -28.19 -13.24
N TYR A 40 -9.80 -28.49 -14.47
CA TYR A 40 -8.95 -29.37 -15.31
C TYR A 40 -7.58 -28.69 -15.46
N LYS A 41 -7.59 -27.43 -15.94
CA LYS A 41 -6.37 -26.65 -16.12
C LYS A 41 -5.54 -26.67 -14.83
N ALA A 42 -6.20 -26.43 -13.68
CA ALA A 42 -5.47 -26.32 -12.40
C ALA A 42 -4.76 -27.62 -12.07
N SER A 43 -5.52 -28.70 -12.21
CA SER A 43 -4.99 -30.00 -11.81
C SER A 43 -3.98 -30.49 -12.84
N ASP A 44 -4.23 -30.27 -14.12
CA ASP A 44 -3.21 -30.62 -15.11
C ASP A 44 -1.89 -29.97 -14.74
N ILE A 45 -1.91 -28.66 -14.46
CA ILE A 45 -0.66 -27.96 -14.10
C ILE A 45 0.04 -28.63 -12.95
N VAL A 46 -0.69 -28.86 -11.86
CA VAL A 46 0.01 -29.17 -10.61
C VAL A 46 0.42 -30.62 -10.61
N ILE A 47 -0.34 -31.45 -11.27
CA ILE A 47 -0.09 -32.92 -11.28
C ILE A 47 0.93 -33.24 -12.36
N ASN A 48 0.75 -32.62 -13.52
CA ASN A 48 1.53 -33.03 -14.70
C ASN A 48 2.73 -32.19 -15.05
N ASN A 49 2.87 -31.02 -14.44
CA ASN A 49 4.00 -30.12 -14.65
C ASN A 49 4.80 -29.83 -13.37
N LEU A 50 4.15 -29.83 -12.19
CA LEU A 50 4.80 -29.35 -10.96
C LEU A 50 4.96 -30.42 -9.86
N GLY A 51 4.74 -31.68 -10.18
CA GLY A 51 5.09 -32.79 -9.25
C GLY A 51 4.25 -32.96 -7.99
N ALA A 52 3.04 -32.39 -8.00
CA ALA A 52 2.18 -32.44 -6.79
C ALA A 52 1.84 -33.89 -6.46
N THR A 53 1.87 -34.18 -5.16
CA THR A 53 1.35 -35.42 -4.61
C THR A 53 -0.18 -35.45 -4.74
N PRO A 54 -0.78 -36.66 -4.68
CA PRO A 54 -2.27 -36.74 -4.81
C PRO A 54 -2.94 -35.84 -3.78
N GLU A 55 -2.48 -35.83 -2.54
CA GLU A 55 -3.14 -35.02 -1.50
C GLU A 55 -2.99 -33.55 -1.79
N GLN A 56 -1.79 -33.14 -2.23
CA GLN A 56 -1.51 -31.73 -2.60
C GLN A 56 -2.38 -31.29 -3.75
N ALA A 57 -2.50 -32.13 -4.77
CA ALA A 57 -3.37 -31.83 -5.93
C ALA A 57 -4.83 -31.66 -5.55
N LYS A 58 -5.35 -32.53 -4.67
CA LYS A 58 -6.78 -32.48 -4.29
C LYS A 58 -7.06 -31.21 -3.48
N ARG A 59 -6.14 -30.88 -2.63
CA ARG A 59 -6.23 -29.60 -1.87
C ARG A 59 -6.23 -28.37 -2.72
N HIS A 60 -5.30 -28.30 -3.64
CA HIS A 60 -5.32 -27.31 -4.79
C HIS A 60 -6.64 -27.32 -5.65
N LYS A 61 -7.20 -28.47 -5.94
CA LYS A 61 -8.39 -28.58 -6.80
C LYS A 61 -9.54 -27.95 -6.01
N ASP A 62 -9.61 -28.29 -4.74
CA ASP A 62 -10.70 -27.74 -3.91
C ASP A 62 -10.64 -26.19 -3.82
N ALA A 63 -9.41 -25.64 -3.74
CA ALA A 63 -9.21 -24.21 -3.66
C ALA A 63 -9.57 -23.46 -4.94
N VAL A 64 -9.22 -24.02 -6.10
CA VAL A 64 -9.50 -23.46 -7.37
C VAL A 64 -10.99 -23.54 -7.62
N GLU A 65 -11.62 -24.70 -7.38
CA GLU A 65 -13.07 -24.84 -7.42
C GLU A 65 -13.84 -23.74 -6.65
N ALA A 66 -13.41 -23.50 -5.42
CA ALA A 66 -14.04 -22.55 -4.52
C ALA A 66 -13.87 -21.12 -5.01
N PHE A 67 -12.70 -20.85 -5.59
CA PHE A 67 -12.35 -19.53 -6.15
C PHE A 67 -13.24 -19.14 -7.32
N PHE A 68 -13.26 -19.97 -8.34
CA PHE A 68 -14.05 -19.68 -9.52
C PHE A 68 -15.53 -19.84 -9.15
N GLY A 69 -15.80 -20.73 -8.22
CA GLY A 69 -17.13 -20.93 -7.66
C GLY A 69 -17.63 -19.63 -7.07
N GLY A 70 -16.74 -18.89 -6.45
CA GLY A 70 -17.10 -17.60 -5.86
C GLY A 70 -17.48 -16.54 -6.87
N ALA A 71 -16.94 -16.69 -8.07
CA ALA A 71 -17.29 -15.85 -9.23
C ALA A 71 -18.52 -16.40 -9.97
N GLY A 72 -19.24 -17.35 -9.39
CA GLY A 72 -20.46 -17.84 -9.99
C GLY A 72 -20.35 -18.99 -10.96
N MET A 73 -19.13 -19.48 -11.19
CA MET A 73 -18.98 -20.57 -12.15
C MET A 73 -19.36 -21.92 -11.51
N LYS A 74 -19.95 -22.79 -12.33
CA LYS A 74 -20.50 -24.09 -11.93
C LYS A 74 -20.15 -25.18 -12.93
N TYR A 75 -19.90 -26.36 -12.40
CA TYR A 75 -19.80 -27.57 -13.26
C TYR A 75 -21.06 -27.70 -14.18
N GLY A 76 -20.81 -28.00 -15.45
CA GLY A 76 -21.86 -28.18 -16.43
C GLY A 76 -22.53 -26.92 -16.93
N VAL A 77 -22.04 -25.77 -16.52
CA VAL A 77 -22.52 -24.49 -16.99
C VAL A 77 -21.42 -23.73 -17.72
N GLU A 78 -21.81 -23.15 -18.86
CA GLU A 78 -20.96 -22.33 -19.72
C GLU A 78 -21.21 -20.90 -19.36
N THR A 79 -20.18 -20.28 -18.80
CA THR A 79 -20.21 -18.90 -18.40
C THR A 79 -19.77 -17.96 -19.49
N ASP A 80 -20.61 -17.04 -19.95
CA ASP A 80 -20.15 -16.06 -20.97
C ASP A 80 -19.50 -14.84 -20.34
N TRP A 81 -18.97 -13.92 -21.16
CA TRP A 81 -18.21 -12.79 -20.57
C TRP A 81 -19.17 -11.94 -19.66
N PRO A 82 -20.33 -11.52 -20.10
CA PRO A 82 -21.17 -10.67 -19.20
C PRO A 82 -21.46 -11.35 -17.85
N ALA A 83 -21.70 -12.66 -17.87
CA ALA A 83 -21.87 -13.39 -16.61
C ALA A 83 -20.62 -13.44 -15.81
N TYR A 84 -19.49 -13.59 -16.51
CA TYR A 84 -18.18 -13.70 -15.88
C TYR A 84 -17.83 -12.43 -15.10
N ILE A 85 -17.95 -11.28 -15.72
CA ILE A 85 -17.57 -10.04 -15.03
C ILE A 85 -18.55 -9.70 -13.89
N GLU A 86 -19.81 -10.04 -14.08
CA GLU A 86 -20.81 -9.87 -12.99
C GLU A 86 -20.49 -10.71 -11.76
N GLY A 87 -20.18 -11.97 -12.00
CA GLY A 87 -19.68 -12.88 -10.98
C GLY A 87 -18.38 -12.40 -10.31
N TRP A 88 -17.44 -11.80 -11.09
CA TRP A 88 -16.18 -11.30 -10.53
C TRP A 88 -16.45 -10.14 -9.57
N LYS A 89 -17.44 -9.32 -9.86
CA LYS A 89 -17.79 -8.22 -8.92
C LYS A 89 -18.21 -8.79 -7.55
N LYS A 90 -19.03 -9.84 -7.58
CA LYS A 90 -19.51 -10.50 -6.36
C LYS A 90 -18.30 -11.14 -5.63
N LEU A 91 -17.48 -11.91 -6.34
CA LEU A 91 -16.21 -12.45 -5.73
C LEU A 91 -15.33 -11.38 -5.10
N ALA A 92 -15.01 -10.32 -5.83
CA ALA A 92 -14.16 -9.27 -5.27
C ALA A 92 -14.79 -8.64 -4.00
N THR A 93 -16.10 -8.42 -4.03
CA THR A 93 -16.77 -7.77 -2.88
C THR A 93 -16.64 -8.65 -1.65
N ASP A 94 -16.86 -9.94 -1.87
CA ASP A 94 -16.98 -10.95 -0.83
C ASP A 94 -15.63 -11.09 -0.22
N GLU A 95 -14.57 -11.06 -1.06
CA GLU A 95 -13.19 -11.20 -0.66
C GLU A 95 -12.75 -9.98 0.16
N LEU A 96 -13.10 -8.78 -0.29
CA LEU A 96 -12.72 -7.55 0.45
C LEU A 96 -13.45 -7.50 1.78
N GLU A 97 -14.65 -8.06 1.82
CA GLU A 97 -15.36 -8.12 3.10
C GLU A 97 -14.65 -9.06 4.13
N LYS A 98 -14.20 -10.22 3.67
CA LYS A 98 -13.42 -11.13 4.50
C LYS A 98 -12.15 -10.51 4.98
N TYR A 99 -11.39 -9.92 4.04
CA TYR A 99 -10.10 -9.31 4.34
C TYR A 99 -10.29 -8.27 5.47
N ALA A 100 -11.31 -7.46 5.31
CA ALA A 100 -11.56 -6.36 6.28
C ALA A 100 -11.85 -6.91 7.68
N LYS A 101 -12.37 -8.13 7.70
CA LYS A 101 -12.62 -8.83 8.93
C LYS A 101 -11.61 -9.85 9.38
N ASN A 102 -10.43 -9.85 8.75
CA ASN A 102 -9.29 -10.70 9.11
C ASN A 102 -9.68 -12.19 9.04
N GLU A 103 -10.49 -12.48 8.05
CA GLU A 103 -10.92 -13.79 7.72
C GLU A 103 -10.20 -14.24 6.41
N PRO A 104 -9.90 -15.53 6.34
CA PRO A 104 -9.06 -16.00 5.26
C PRO A 104 -9.80 -15.86 3.90
N THR A 105 -9.10 -15.37 2.90
CA THR A 105 -9.72 -15.12 1.58
C THR A 105 -9.59 -16.37 0.70
N LEU A 106 -10.48 -16.55 -0.26
CA LEU A 106 -10.33 -17.68 -1.26
C LEU A 106 -9.01 -17.64 -1.99
N ILE A 107 -8.53 -16.44 -2.32
CA ILE A 107 -7.23 -16.33 -2.98
C ILE A 107 -6.04 -16.74 -2.05
N ARG A 108 -6.11 -16.43 -0.77
CA ARG A 108 -5.13 -16.95 0.21
C ARG A 108 -5.18 -18.47 0.29
N ILE A 109 -6.37 -19.05 0.28
CA ILE A 109 -6.50 -20.49 0.42
C ILE A 109 -5.93 -21.19 -0.79
N TRP A 110 -6.15 -20.62 -1.98
CA TRP A 110 -5.51 -21.09 -3.22
C TRP A 110 -3.99 -20.95 -3.06
N GLY A 111 -3.51 -19.79 -2.65
CA GLY A 111 -2.10 -19.58 -2.53
C GLY A 111 -1.37 -20.57 -1.59
N ASP A 112 -2.00 -20.87 -0.45
CA ASP A 112 -1.40 -21.84 0.49
C ASP A 112 -1.32 -23.23 -0.18
N ALA A 113 -2.37 -23.62 -0.94
CA ALA A 113 -2.40 -24.93 -1.62
C ALA A 113 -1.27 -24.96 -2.66
N LEU A 114 -1.07 -23.84 -3.33
CA LEU A 114 -0.21 -23.85 -4.51
C LEU A 114 1.21 -23.75 -4.03
N PHE A 115 1.45 -22.92 -3.00
CA PHE A 115 2.79 -22.72 -2.51
C PHE A 115 3.33 -23.99 -1.84
N ASP A 116 2.49 -24.80 -1.20
CA ASP A 116 2.94 -26.11 -0.72
C ASP A 116 3.48 -27.00 -1.84
N ILE A 117 2.96 -26.85 -3.06
CA ILE A 117 3.50 -27.60 -4.21
C ILE A 117 4.79 -26.99 -4.77
N VAL A 118 4.79 -25.70 -4.91
CA VAL A 118 5.80 -24.98 -5.68
C VAL A 118 7.09 -24.71 -4.86
N ASP A 119 6.93 -24.42 -3.58
CA ASP A 119 8.04 -24.22 -2.64
C ASP A 119 8.70 -25.54 -2.28
N LYS A 120 9.93 -25.73 -2.73
CA LYS A 120 10.58 -27.03 -2.49
C LYS A 120 10.73 -27.28 -0.99
N ASP A 121 10.84 -26.22 -0.20
CA ASP A 121 11.03 -26.35 1.24
C ASP A 121 9.73 -26.31 2.06
N GLN A 122 8.59 -26.08 1.42
CA GLN A 122 7.26 -26.03 2.07
C GLN A 122 7.20 -25.12 3.33
N ASN A 123 7.74 -23.91 3.19
CA ASN A 123 7.75 -22.85 4.25
C ASN A 123 6.91 -21.58 3.86
N GLY A 124 6.14 -21.66 2.79
CA GLY A 124 5.29 -20.53 2.46
C GLY A 124 6.06 -19.46 1.70
N ALA A 125 7.08 -19.84 0.93
CA ALA A 125 7.84 -18.88 0.11
C ALA A 125 8.56 -19.44 -1.14
N ILE A 126 8.57 -18.68 -2.23
CA ILE A 126 9.09 -19.19 -3.51
C ILE A 126 10.28 -18.39 -4.05
N THR A 127 11.14 -19.10 -4.74
CA THR A 127 12.21 -18.47 -5.50
C THR A 127 11.69 -17.99 -6.85
N LEU A 128 12.52 -17.18 -7.49
CA LEU A 128 12.26 -16.75 -8.83
C LEU A 128 12.17 -17.91 -9.78
N ASP A 129 13.06 -18.88 -9.66
CA ASP A 129 13.04 -20.06 -10.52
C ASP A 129 11.69 -20.82 -10.33
N GLU A 130 11.21 -20.91 -9.10
CA GLU A 130 9.93 -21.58 -8.83
C GLU A 130 8.79 -20.78 -9.40
N TRP A 131 8.86 -19.45 -9.32
CA TRP A 131 7.77 -18.63 -9.91
C TRP A 131 7.71 -18.74 -11.42
N LYS A 132 8.86 -18.79 -12.08
CA LYS A 132 8.92 -18.99 -13.54
C LYS A 132 8.28 -20.32 -13.90
N ALA A 133 8.63 -21.35 -13.17
CA ALA A 133 8.16 -22.69 -13.50
C ALA A 133 6.62 -22.73 -13.47
N TYR A 134 6.03 -22.21 -12.41
CA TYR A 134 4.55 -22.16 -12.24
C TYR A 134 3.87 -21.30 -13.30
N THR A 135 4.31 -20.02 -13.39
CA THR A 135 3.63 -19.09 -14.33
C THR A 135 3.76 -19.49 -15.79
N LYS A 136 4.90 -20.03 -16.19
CA LYS A 136 5.14 -20.57 -17.48
C LYS A 136 4.33 -21.81 -17.80
N ALA A 137 4.19 -22.71 -16.83
CA ALA A 137 3.27 -23.85 -16.95
C ALA A 137 1.83 -23.43 -17.12
N ALA A 138 1.41 -22.49 -16.30
CA ALA A 138 0.05 -22.00 -16.37
C ALA A 138 -0.15 -21.18 -17.66
N GLY A 139 0.91 -20.50 -18.04
CA GLY A 139 0.93 -19.67 -19.20
C GLY A 139 0.50 -18.26 -18.93
N ILE A 140 0.27 -17.92 -17.69
CA ILE A 140 -0.11 -16.55 -17.31
C ILE A 140 1.04 -15.54 -17.55
N ILE A 141 2.29 -15.98 -17.35
CA ILE A 141 3.45 -15.29 -17.88
C ILE A 141 4.18 -16.21 -18.86
N GLN A 142 4.68 -15.62 -19.96
CA GLN A 142 5.48 -16.34 -20.95
C GLN A 142 6.99 -16.04 -20.81
N SER A 143 7.36 -14.79 -20.56
CA SER A 143 8.79 -14.45 -20.57
C SER A 143 9.43 -14.33 -19.19
N SER A 144 10.71 -14.62 -19.15
CA SER A 144 11.49 -14.55 -17.90
C SER A 144 11.56 -13.10 -17.38
N GLU A 145 11.63 -12.14 -18.30
CA GLU A 145 11.62 -10.73 -17.93
C GLU A 145 10.37 -10.28 -17.16
N ASP A 146 9.23 -10.83 -17.53
CA ASP A 146 7.99 -10.49 -16.83
C ASP A 146 7.91 -11.13 -15.45
N CYS A 147 8.35 -12.38 -15.31
CA CYS A 147 8.43 -13.03 -13.99
C CYS A 147 9.37 -12.22 -13.07
N GLU A 148 10.44 -11.68 -13.64
CA GLU A 148 11.40 -10.91 -12.90
C GLU A 148 10.80 -9.64 -12.31
N GLU A 149 9.85 -9.05 -13.02
CA GLU A 149 9.17 -7.85 -12.60
C GLU A 149 8.35 -8.09 -11.37
N THR A 150 7.73 -9.28 -11.25
CA THR A 150 6.98 -9.66 -10.05
C THR A 150 7.82 -9.43 -8.81
N PHE A 151 9.07 -9.92 -8.86
CA PHE A 151 9.99 -9.77 -7.72
C PHE A 151 10.41 -8.31 -7.44
N ARG A 152 10.27 -7.41 -8.42
CA ARG A 152 10.57 -5.98 -8.18
C ARG A 152 9.42 -5.26 -7.45
N VAL A 153 8.21 -5.55 -7.88
CA VAL A 153 7.02 -4.94 -7.33
C VAL A 153 6.91 -5.42 -5.89
N CYS A 154 7.03 -6.71 -5.69
CA CYS A 154 6.82 -7.30 -4.36
C CYS A 154 7.97 -6.99 -3.41
N ASP A 155 7.68 -6.96 -2.13
CA ASP A 155 8.67 -6.75 -1.07
C ASP A 155 9.34 -8.07 -0.69
N ILE A 156 10.58 -8.27 -1.16
CA ILE A 156 11.33 -9.52 -0.98
C ILE A 156 12.08 -9.54 0.38
N ASP A 157 12.38 -10.73 0.92
CA ASP A 157 13.18 -10.83 2.15
C ASP A 157 14.67 -10.97 1.88
N GLU A 158 15.50 -10.74 2.90
CA GLU A 158 16.97 -10.83 2.81
C GLU A 158 17.38 -12.04 1.96
N SER A 159 16.72 -13.16 2.21
CA SER A 159 16.98 -14.43 1.51
C SER A 159 16.61 -14.47 0.02
N GLY A 160 15.79 -13.52 -0.47
CA GLY A 160 15.47 -13.38 -1.89
C GLY A 160 14.20 -14.09 -2.41
N GLN A 161 13.34 -14.49 -1.48
CA GLN A 161 12.14 -15.25 -1.77
C GLN A 161 10.88 -14.38 -1.66
N LEU A 162 9.81 -14.91 -2.24
CA LEU A 162 8.52 -14.27 -2.27
C LEU A 162 7.63 -15.06 -1.32
N ASP A 163 7.31 -14.47 -0.17
CA ASP A 163 6.46 -14.99 0.92
C ASP A 163 4.97 -14.94 0.54
N VAL A 164 4.20 -15.94 1.00
CA VAL A 164 2.78 -16.02 0.69
C VAL A 164 1.98 -14.84 1.24
N ASP A 165 2.34 -14.35 2.43
CA ASP A 165 1.77 -13.15 3.04
C ASP A 165 1.92 -11.93 2.11
N GLU A 166 3.08 -11.77 1.52
CA GLU A 166 3.33 -10.60 0.64
C GLU A 166 2.58 -10.78 -0.67
N MET A 167 2.69 -11.96 -1.29
CA MET A 167 2.00 -12.22 -2.53
C MET A 167 0.50 -11.96 -2.35
N THR A 168 -0.08 -12.36 -1.24
CA THR A 168 -1.54 -12.25 -1.10
C THR A 168 -1.97 -10.78 -1.11
N ARG A 169 -1.18 -9.93 -0.46
CA ARG A 169 -1.51 -8.53 -0.37
C ARG A 169 -1.48 -7.94 -1.75
N GLN A 170 -0.45 -8.24 -2.52
CA GLN A 170 -0.34 -7.81 -3.90
C GLN A 170 -1.51 -8.34 -4.77
N HIS A 171 -1.84 -9.62 -4.61
CA HIS A 171 -2.98 -10.18 -5.33
C HIS A 171 -4.32 -9.52 -5.05
N LEU A 172 -4.53 -9.12 -3.79
CA LEU A 172 -5.76 -8.46 -3.35
C LEU A 172 -5.83 -7.15 -4.13
N GLY A 173 -4.72 -6.43 -4.16
CA GLY A 173 -4.64 -5.15 -4.86
C GLY A 173 -4.83 -5.23 -6.36
N PHE A 174 -4.23 -6.23 -6.96
CA PHE A 174 -4.11 -6.38 -8.42
C PHE A 174 -5.38 -6.85 -9.03
N TRP A 175 -5.96 -7.87 -8.41
CA TRP A 175 -7.15 -8.48 -8.93
C TRP A 175 -8.43 -7.85 -8.36
N TYR A 176 -8.41 -7.32 -7.13
CA TYR A 176 -9.68 -6.84 -6.58
C TYR A 176 -9.89 -5.31 -6.48
N THR A 177 -8.84 -4.49 -6.32
CA THR A 177 -9.01 -3.04 -5.99
C THR A 177 -8.42 -2.03 -6.94
N MET A 178 -7.58 -2.49 -7.85
CA MET A 178 -6.83 -1.56 -8.73
C MET A 178 -5.93 -0.64 -7.96
N ASP A 179 -5.32 -1.17 -6.92
CA ASP A 179 -4.37 -0.43 -6.15
C ASP A 179 -3.16 -0.08 -7.03
N PRO A 180 -2.89 1.22 -7.19
CA PRO A 180 -1.77 1.69 -8.05
C PRO A 180 -0.38 1.08 -7.78
N ALA A 181 -0.07 0.75 -6.54
CA ALA A 181 1.25 0.21 -6.17
C ALA A 181 1.48 -1.27 -6.61
N CYS A 182 0.40 -1.95 -6.96
CA CYS A 182 0.43 -3.31 -7.49
C CYS A 182 0.53 -3.40 -9.03
N GLU A 183 0.62 -2.27 -9.72
CA GLU A 183 0.76 -2.27 -11.16
C GLU A 183 2.01 -3.03 -11.60
N LYS A 184 1.85 -3.81 -12.66
CA LYS A 184 2.90 -4.62 -13.27
C LYS A 184 3.30 -5.83 -12.45
N LEU A 185 2.37 -6.33 -11.64
CA LEU A 185 2.66 -7.48 -10.78
C LEU A 185 3.10 -8.69 -11.65
N TYR A 186 2.53 -8.83 -12.84
CA TYR A 186 2.88 -9.91 -13.77
C TYR A 186 3.62 -9.30 -14.96
N GLY A 187 4.31 -8.22 -14.66
CA GLY A 187 5.00 -7.46 -15.70
C GLY A 187 4.09 -7.08 -16.82
N GLY A 188 4.60 -7.17 -18.04
CA GLY A 188 3.80 -6.87 -19.22
C GLY A 188 2.79 -7.95 -19.55
N ALA A 189 2.80 -9.12 -18.89
CA ALA A 189 1.91 -10.23 -19.31
C ALA A 189 0.42 -9.99 -19.11
N VAL A 190 0.03 -9.24 -18.10
CA VAL A 190 -1.39 -8.99 -17.81
C VAL A 190 -1.45 -7.50 -17.55
N PRO A 191 -2.20 -6.73 -18.32
CA PRO A 191 -2.25 -5.27 -18.08
C PRO A 191 -3.01 -4.96 -16.81
N LEU B 5 5.01 0.66 -0.43
CA LEU B 5 3.75 1.32 -0.86
C LEU B 5 2.53 0.65 -0.24
N THR B 6 2.73 -0.37 0.63
CA THR B 6 1.65 -1.06 1.36
C THR B 6 1.51 -0.58 2.77
N SER B 7 0.29 -0.28 3.21
CA SER B 7 0.11 0.10 4.59
C SER B 7 0.21 -1.14 5.57
N ASP B 8 0.36 -0.84 6.86
CA ASP B 8 0.50 -1.84 7.93
C ASP B 8 -0.29 -1.36 9.20
N PHE B 9 -1.60 -1.12 9.00
CA PHE B 9 -2.51 -0.49 9.97
C PHE B 9 -2.76 -1.27 11.26
N ASP B 10 -2.49 -2.57 11.23
CA ASP B 10 -2.63 -3.40 12.42
C ASP B 10 -1.36 -3.53 13.23
N ASN B 11 -0.27 -2.94 12.73
CA ASN B 11 1.00 -2.89 13.42
C ASN B 11 0.85 -1.97 14.61
N PRO B 12 1.09 -2.47 15.83
CA PRO B 12 0.95 -1.63 17.03
C PRO B 12 1.96 -0.48 17.10
N ARG B 13 3.12 -0.63 16.47
CA ARG B 13 4.10 0.44 16.28
C ARG B 13 3.58 1.58 15.35
N TRP B 14 2.69 1.28 14.41
CA TRP B 14 2.08 2.34 13.57
C TRP B 14 1.03 3.08 14.37
N ILE B 15 0.21 2.33 15.09
CA ILE B 15 -0.86 2.90 15.88
C ILE B 15 -0.25 3.80 16.94
N GLY B 16 0.83 3.33 17.57
CA GLY B 16 1.53 4.04 18.66
C GLY B 16 2.29 5.25 18.19
N ARG B 17 2.78 5.19 16.96
CA ARG B 17 3.46 6.33 16.34
C ARG B 17 2.47 7.51 16.28
N HIS B 18 1.29 7.23 15.77
CA HIS B 18 0.27 8.27 15.68
C HIS B 18 -0.40 8.61 16.99
N LYS B 19 -0.45 7.69 17.95
CA LYS B 19 -0.97 8.09 19.29
C LYS B 19 0.06 9.02 20.04
N HIS B 20 1.35 8.80 19.82
CA HIS B 20 2.39 9.72 20.24
C HIS B 20 2.08 11.15 19.73
N MET B 21 1.87 11.26 18.45
CA MET B 21 1.61 12.60 17.89
C MET B 21 0.28 13.19 18.35
N PHE B 22 -0.78 12.36 18.44
CA PHE B 22 -2.04 12.81 19.00
C PHE B 22 -1.83 13.40 20.38
N ASN B 23 -1.10 12.69 21.24
CA ASN B 23 -0.84 13.17 22.59
C ASN B 23 -0.01 14.46 22.60
N PHE B 24 1.00 14.49 21.74
CA PHE B 24 1.80 15.69 21.58
C PHE B 24 0.95 16.88 21.02
N LEU B 25 -0.03 16.62 20.14
CA LEU B 25 -0.88 17.71 19.60
C LEU B 25 -1.97 18.14 20.62
N ASP B 26 -2.34 17.23 21.49
CA ASP B 26 -3.31 17.49 22.57
C ASP B 26 -2.62 18.13 23.75
N VAL B 27 -2.13 19.37 23.61
CA VAL B 27 -1.21 19.93 24.63
C VAL B 27 -1.92 20.20 25.95
N ASN B 28 -3.24 20.33 25.93
CA ASN B 28 -3.98 20.52 27.17
C ASN B 28 -4.83 19.32 27.54
N HIS B 29 -4.40 18.14 27.08
CA HIS B 29 -5.00 16.85 27.45
C HIS B 29 -6.52 16.84 27.53
N ASN B 30 -7.18 17.37 26.52
CA ASN B 30 -8.61 17.25 26.48
C ASN B 30 -9.06 15.84 26.01
N GLY B 31 -8.14 15.02 25.48
CA GLY B 31 -8.51 13.74 24.84
C GLY B 31 -9.13 13.98 23.44
N LYS B 32 -9.09 15.23 22.98
CA LYS B 32 -9.58 15.54 21.63
C LYS B 32 -8.85 16.78 21.11
N ILE B 33 -8.72 16.84 19.79
CA ILE B 33 -8.13 18.05 19.14
C ILE B 33 -8.98 18.48 17.99
N SER B 34 -8.90 19.75 17.63
CA SER B 34 -9.67 20.29 16.53
C SER B 34 -8.73 20.80 15.38
N LEU B 35 -9.32 20.90 14.21
CA LEU B 35 -8.62 21.54 13.10
C LEU B 35 -8.24 22.93 13.45
N ASP B 36 -9.11 23.61 14.18
CA ASP B 36 -8.85 24.99 14.56
C ASP B 36 -7.53 25.09 15.22
N GLU B 37 -7.28 24.14 16.12
CA GLU B 37 -6.06 24.07 16.93
C GLU B 37 -4.86 23.77 16.04
N MET B 38 -5.03 22.85 15.08
CA MET B 38 -3.97 22.46 14.17
C MET B 38 -3.51 23.61 13.34
N VAL B 39 -4.44 24.34 12.74
CA VAL B 39 -4.08 25.44 11.82
C VAL B 39 -3.57 26.66 12.60
N TYR B 40 -4.05 26.82 13.82
CA TYR B 40 -3.50 27.81 14.73
C TYR B 40 -1.99 27.52 15.03
N LYS B 41 -1.68 26.32 15.49
CA LYS B 41 -0.28 25.91 15.75
C LYS B 41 0.62 26.18 14.57
N ALA B 42 0.19 25.70 13.42
CA ALA B 42 0.98 25.82 12.17
C ALA B 42 1.32 27.26 11.83
N SER B 43 0.34 28.14 11.95
CA SER B 43 0.54 29.52 11.60
C SER B 43 1.31 30.28 12.67
N ASP B 44 1.11 29.89 13.93
CA ASP B 44 1.89 30.41 15.01
C ASP B 44 3.37 30.15 14.73
N ILE B 45 3.68 28.88 14.39
CA ILE B 45 5.09 28.51 14.26
C ILE B 45 5.70 29.38 13.18
N VAL B 46 5.08 29.40 12.02
CA VAL B 46 5.80 29.92 10.86
C VAL B 46 5.82 31.44 10.89
N ILE B 47 4.81 32.05 11.45
CA ILE B 47 4.74 33.51 11.45
C ILE B 47 5.54 34.07 12.59
N ASN B 48 5.34 33.49 13.76
CA ASN B 48 5.95 34.04 14.99
C ASN B 48 7.36 33.52 15.31
N ASN B 49 7.74 32.37 14.74
CA ASN B 49 9.02 31.76 15.05
C ASN B 49 9.99 31.69 13.86
N LEU B 50 9.47 31.58 12.62
CA LEU B 50 10.30 31.33 11.44
C LEU B 50 10.31 32.41 10.35
N GLY B 51 9.66 33.56 10.60
CA GLY B 51 9.78 34.71 9.72
C GLY B 51 9.01 34.65 8.40
N ALA B 52 7.97 33.82 8.38
CA ALA B 52 7.16 33.64 7.17
C ALA B 52 6.55 34.99 6.78
N THR B 53 6.46 35.21 5.45
CA THR B 53 5.68 36.33 4.93
C THR B 53 4.23 36.01 4.99
N PRO B 54 3.40 37.04 4.83
CA PRO B 54 1.93 36.83 4.84
C PRO B 54 1.48 35.81 3.74
N GLU B 55 2.07 35.87 2.54
CA GLU B 55 1.72 34.98 1.45
C GLU B 55 2.18 33.58 1.81
N GLN B 56 3.42 33.46 2.28
CA GLN B 56 4.00 32.16 2.70
C GLN B 56 3.16 31.47 3.79
N ALA B 57 2.72 32.25 4.76
CA ALA B 57 1.88 31.71 5.82
C ALA B 57 0.51 31.24 5.40
N LYS B 58 -0.12 31.97 4.49
CA LYS B 58 -1.39 31.57 3.88
C LYS B 58 -1.26 30.27 3.11
N ARG B 59 -0.20 30.14 2.34
CA ARG B 59 0.00 28.91 1.58
C ARG B 59 0.20 27.75 2.55
N HIS B 60 1.00 27.98 3.58
CA HIS B 60 1.31 26.95 4.61
C HIS B 60 0.00 26.52 5.32
N LYS B 61 -0.85 27.50 5.66
CA LYS B 61 -2.05 27.21 6.42
C LYS B 61 -2.93 26.38 5.53
N ASP B 62 -3.01 26.74 4.26
CA ASP B 62 -3.84 25.97 3.33
C ASP B 62 -3.42 24.45 3.22
N ALA B 63 -2.12 24.25 3.17
CA ALA B 63 -1.55 22.89 3.14
C ALA B 63 -1.85 22.10 4.41
N VAL B 64 -1.69 22.71 5.57
CA VAL B 64 -1.90 22.01 6.85
C VAL B 64 -3.40 21.72 7.06
N GLU B 65 -4.25 22.67 6.73
CA GLU B 65 -5.70 22.46 6.67
C GLU B 65 -6.15 21.27 5.78
N ALA B 66 -5.55 21.14 4.59
CA ALA B 66 -5.89 20.05 3.61
C ALA B 66 -5.41 18.70 4.16
N PHE B 67 -4.22 18.73 4.79
CA PHE B 67 -3.58 17.53 5.40
C PHE B 67 -4.40 16.95 6.53
N PHE B 68 -4.64 17.72 7.59
CA PHE B 68 -5.45 17.19 8.68
C PHE B 68 -6.86 17.03 8.31
N GLY B 69 -7.32 17.78 7.29
CA GLY B 69 -8.58 17.50 6.69
C GLY B 69 -8.74 16.15 6.02
N GLY B 70 -7.66 15.67 5.46
CA GLY B 70 -7.67 14.38 4.81
C GLY B 70 -7.81 13.28 5.83
N ALA B 71 -7.47 13.61 7.07
CA ALA B 71 -7.54 12.70 8.23
C ALA B 71 -8.90 12.88 8.91
N GLY B 72 -9.82 13.59 8.25
CA GLY B 72 -11.21 13.75 8.69
C GLY B 72 -11.54 14.89 9.63
N MET B 73 -10.54 15.67 10.05
CA MET B 73 -10.77 16.74 11.00
C MET B 73 -11.45 17.90 10.28
N LYS B 74 -12.28 18.61 11.04
CA LYS B 74 -13.04 19.75 10.56
C LYS B 74 -13.04 20.89 11.59
N TYR B 75 -13.14 22.10 11.06
CA TYR B 75 -13.39 23.29 11.85
C TYR B 75 -14.66 23.11 12.74
N GLY B 76 -14.54 23.40 14.03
CA GLY B 76 -15.62 23.36 14.98
C GLY B 76 -16.00 21.99 15.48
N VAL B 77 -15.17 20.97 15.16
CA VAL B 77 -15.39 19.60 15.62
C VAL B 77 -14.17 19.14 16.42
N GLU B 78 -14.45 18.50 17.55
CA GLU B 78 -13.46 17.99 18.43
C GLU B 78 -13.27 16.51 18.14
N THR B 79 -12.13 16.20 17.54
CA THR B 79 -11.81 14.85 17.15
C THR B 79 -11.16 14.04 18.28
N ASP B 80 -11.79 12.99 18.74
CA ASP B 80 -11.16 12.15 19.81
C ASP B 80 -10.27 11.06 19.20
N TRP B 81 -9.59 10.25 20.00
CA TRP B 81 -8.61 9.29 19.49
C TRP B 81 -9.17 8.22 18.53
N PRO B 82 -10.21 7.47 18.87
CA PRO B 82 -10.80 6.53 17.89
C PRO B 82 -11.16 7.17 16.52
N ALA B 83 -11.71 8.37 16.52
CA ALA B 83 -11.99 9.07 15.28
C ALA B 83 -10.68 9.50 14.56
N TYR B 84 -9.72 9.93 15.34
CA TYR B 84 -8.41 10.33 14.80
C TYR B 84 -7.70 9.19 14.07
N ILE B 85 -7.55 8.03 14.72
CA ILE B 85 -6.82 6.96 14.09
C ILE B 85 -7.57 6.38 12.89
N GLU B 86 -8.88 6.30 12.96
CA GLU B 86 -9.74 5.84 11.82
C GLU B 86 -9.53 6.76 10.62
N GLY B 87 -9.57 8.08 10.86
CA GLY B 87 -9.29 9.08 9.85
C GLY B 87 -7.90 8.97 9.22
N TRP B 88 -6.89 8.60 10.02
CA TRP B 88 -5.54 8.45 9.56
C TRP B 88 -5.39 7.24 8.67
N LYS B 89 -6.16 6.17 8.92
CA LYS B 89 -6.22 5.09 7.91
C LYS B 89 -6.65 5.55 6.49
N LYS B 90 -7.66 6.40 6.42
CA LYS B 90 -8.15 6.94 5.15
C LYS B 90 -7.05 7.85 4.54
N LEU B 91 -6.43 8.68 5.38
CA LEU B 91 -5.43 9.62 4.87
C LEU B 91 -4.27 8.86 4.26
N ALA B 92 -3.76 7.88 5.02
CA ALA B 92 -2.58 7.16 4.57
C ALA B 92 -2.84 6.38 3.29
N THR B 93 -4.04 5.78 3.15
CA THR B 93 -4.46 5.06 1.96
C THR B 93 -4.56 6.01 0.73
N ASP B 94 -5.18 7.17 0.90
CA ASP B 94 -5.34 8.09 -0.20
C ASP B 94 -3.97 8.59 -0.66
N GLU B 95 -3.04 8.80 0.27
CA GLU B 95 -1.71 9.35 0.00
C GLU B 95 -0.84 8.36 -0.74
N LEU B 96 -0.91 7.09 -0.35
CA LEU B 96 -0.14 6.06 -0.99
C LEU B 96 -0.71 5.83 -2.42
N GLU B 97 -2.00 6.02 -2.60
CA GLU B 97 -2.69 5.89 -3.91
C GLU B 97 -2.18 6.99 -4.88
N LYS B 98 -2.18 8.24 -4.41
CA LYS B 98 -1.65 9.35 -5.18
C LYS B 98 -0.18 9.14 -5.54
N TYR B 99 0.65 8.77 -4.54
CA TYR B 99 2.06 8.57 -4.73
C TYR B 99 2.37 7.52 -5.77
N ALA B 100 1.61 6.42 -5.74
CA ALA B 100 1.82 5.36 -6.71
C ALA B 100 1.42 5.82 -8.11
N LYS B 101 0.53 6.81 -8.21
CA LYS B 101 0.08 7.36 -9.50
C LYS B 101 0.83 8.65 -9.92
N ASN B 102 1.91 8.92 -9.21
CA ASN B 102 2.75 10.10 -9.40
C ASN B 102 2.02 11.42 -9.30
N GLU B 103 0.95 11.45 -8.53
CA GLU B 103 0.21 12.65 -8.25
C GLU B 103 0.76 13.24 -6.92
N PRO B 104 0.81 14.57 -6.82
CA PRO B 104 1.33 15.20 -5.61
C PRO B 104 0.56 14.80 -4.34
N THR B 105 1.25 14.47 -3.26
CA THR B 105 0.57 14.08 -2.01
C THR B 105 0.38 15.31 -1.11
N LEU B 106 -0.54 15.21 -0.14
CA LEU B 106 -0.79 16.28 0.85
C LEU B 106 0.43 16.61 1.65
N ILE B 107 1.22 15.60 2.04
CA ILE B 107 2.43 15.82 2.74
C ILE B 107 3.48 16.55 1.88
N ARG B 108 3.64 16.23 0.60
CA ARG B 108 4.53 17.00 -0.28
C ARG B 108 4.05 18.49 -0.40
N ILE B 109 2.76 18.73 -0.50
CA ILE B 109 2.28 20.13 -0.67
C ILE B 109 2.59 20.93 0.64
N TRP B 110 2.39 20.30 1.79
CA TRP B 110 2.81 20.93 3.06
C TRP B 110 4.31 21.18 3.04
N GLY B 111 5.09 20.13 2.75
CA GLY B 111 6.53 20.26 2.58
C GLY B 111 7.05 21.39 1.69
N ASP B 112 6.50 21.54 0.49
CA ASP B 112 6.84 22.61 -0.44
C ASP B 112 6.55 23.96 0.20
N ALA B 113 5.43 24.06 0.90
CA ALA B 113 5.05 25.32 1.59
C ALA B 113 5.99 25.62 2.76
N LEU B 114 6.35 24.62 3.55
CA LEU B 114 7.17 24.80 4.73
C LEU B 114 8.59 25.08 4.31
N PHE B 115 9.04 24.36 3.29
CA PHE B 115 10.41 24.49 2.85
C PHE B 115 10.62 25.89 2.21
N ASP B 116 9.62 26.48 1.60
CA ASP B 116 9.80 27.86 1.12
C ASP B 116 10.09 28.83 2.22
N ILE B 117 9.59 28.54 3.45
CA ILE B 117 9.82 29.38 4.62
C ILE B 117 11.14 29.12 5.30
N VAL B 118 11.41 27.85 5.50
CA VAL B 118 12.55 27.38 6.27
C VAL B 118 13.87 27.48 5.44
N ASP B 119 13.87 27.18 4.17
CA ASP B 119 15.11 27.21 3.33
C ASP B 119 15.40 28.69 3.00
N LYS B 120 16.44 29.27 3.55
CA LYS B 120 16.76 30.69 3.32
C LYS B 120 17.03 30.98 1.81
N ASP B 121 17.46 29.95 1.07
CA ASP B 121 17.64 30.07 -0.38
C ASP B 121 16.44 29.78 -1.27
N GLN B 122 15.35 29.25 -0.69
CA GLN B 122 14.14 28.85 -1.44
C GLN B 122 14.37 27.93 -2.63
N ASN B 123 15.23 26.94 -2.48
CA ASN B 123 15.49 25.97 -3.52
C ASN B 123 15.04 24.55 -3.18
N GLY B 124 14.15 24.43 -2.18
CA GLY B 124 13.57 23.15 -1.84
C GLY B 124 14.48 22.24 -1.03
N ALA B 125 15.33 22.84 -0.18
CA ALA B 125 16.27 22.08 0.65
C ALA B 125 16.69 22.83 1.87
N ILE B 126 16.91 22.08 2.95
CA ILE B 126 17.24 22.69 4.23
C ILE B 126 18.50 22.10 4.83
N THR B 127 19.21 22.93 5.56
CA THR B 127 20.38 22.58 6.34
C THR B 127 19.92 21.96 7.62
N LEU B 128 20.87 21.40 8.34
CA LEU B 128 20.60 20.88 9.68
C LEU B 128 20.17 21.98 10.62
N ASP B 129 20.83 23.12 10.57
CA ASP B 129 20.45 24.24 11.44
C ASP B 129 18.98 24.69 11.18
N GLU B 130 18.57 24.68 9.92
CA GLU B 130 17.20 25.07 9.60
C GLU B 130 16.24 24.00 10.16
N TRP B 131 16.65 22.72 10.08
CA TRP B 131 15.81 21.62 10.57
C TRP B 131 15.62 21.68 12.09
N LYS B 132 16.71 21.99 12.78
CA LYS B 132 16.70 22.23 14.24
C LYS B 132 15.77 23.39 14.60
N ALA B 133 15.80 24.45 13.80
CA ALA B 133 15.00 25.63 14.10
C ALA B 133 13.49 25.31 13.99
N TYR B 134 13.11 24.60 12.91
CA TYR B 134 11.73 24.21 12.62
C TYR B 134 11.21 23.21 13.67
N THR B 135 11.91 22.08 13.81
CA THR B 135 11.40 21.03 14.68
C THR B 135 11.38 21.47 16.17
N LYS B 136 12.38 22.26 16.63
CA LYS B 136 12.34 22.78 18.01
C LYS B 136 11.23 23.80 18.22
N ALA B 137 10.97 24.66 17.24
CA ALA B 137 9.84 25.60 17.26
C ALA B 137 8.53 24.87 17.34
N ALA B 138 8.36 23.89 16.49
CA ALA B 138 7.19 23.07 16.54
C ALA B 138 7.07 22.22 17.82
N GLY B 139 8.20 21.73 18.28
CA GLY B 139 8.22 20.86 19.43
C GLY B 139 8.32 19.40 19.09
N ILE B 140 8.24 19.06 17.82
CA ILE B 140 8.20 17.64 17.39
C ILE B 140 9.53 16.89 17.72
N ILE B 141 10.63 17.63 17.66
CA ILE B 141 11.90 17.26 18.24
C ILE B 141 12.41 18.29 19.30
N GLN B 142 12.90 17.80 20.43
CA GLN B 142 13.48 18.70 21.45
C GLN B 142 15.01 18.81 21.42
N SER B 143 15.71 17.71 21.12
CA SER B 143 17.17 17.71 21.30
C SER B 143 17.89 17.82 19.98
N SER B 144 19.07 18.42 20.04
CA SER B 144 19.88 18.51 18.85
C SER B 144 20.30 17.12 18.35
N GLU B 145 20.58 16.20 19.27
CA GLU B 145 20.99 14.84 18.89
C GLU B 145 19.92 14.10 18.03
N ASP B 146 18.64 14.30 18.36
CA ASP B 146 17.55 13.72 17.56
C ASP B 146 17.41 14.37 16.20
N CYS B 147 17.58 15.68 16.09
CA CYS B 147 17.56 16.37 14.76
C CYS B 147 18.69 15.84 13.87
N GLU B 148 19.81 15.56 14.51
CA GLU B 148 20.98 14.98 13.83
C GLU B 148 20.72 13.58 13.25
N GLU B 149 19.96 12.74 13.96
CA GLU B 149 19.54 11.43 13.49
C GLU B 149 18.71 11.50 12.19
N THR B 150 17.95 12.58 12.00
CA THR B 150 17.20 12.76 10.74
C THR B 150 18.16 12.78 9.55
N PHE B 151 19.25 13.51 9.70
CA PHE B 151 20.23 13.68 8.64
C PHE B 151 21.01 12.34 8.42
N ARG B 152 21.08 11.47 9.40
CA ARG B 152 21.68 10.15 9.18
C ARG B 152 20.76 9.24 8.36
N VAL B 153 19.45 9.27 8.65
CA VAL B 153 18.46 8.39 8.04
C VAL B 153 18.14 8.79 6.59
N CYS B 154 18.05 10.09 6.32
CA CYS B 154 17.76 10.59 5.00
C CYS B 154 19.02 10.60 4.12
N ASP B 155 18.85 10.36 2.82
CA ASP B 155 19.89 10.62 1.80
C ASP B 155 20.10 12.13 1.73
N ILE B 156 21.26 12.61 2.13
CA ILE B 156 21.56 14.00 2.08
C ILE B 156 22.22 14.37 0.76
N ASP B 157 21.96 15.57 0.29
CA ASP B 157 22.38 15.93 -1.04
C ASP B 157 23.84 16.41 -1.03
N GLU B 158 24.27 16.88 -2.19
CA GLU B 158 25.69 17.12 -2.43
C GLU B 158 26.20 18.31 -1.64
N SER B 159 25.26 19.17 -1.26
CA SER B 159 25.56 20.36 -0.55
C SER B 159 25.29 20.20 0.94
N GLY B 160 25.01 18.98 1.40
CA GLY B 160 24.72 18.71 2.81
C GLY B 160 23.28 19.06 3.27
N GLN B 161 22.35 19.17 2.30
CA GLN B 161 20.94 19.52 2.57
C GLN B 161 19.96 18.37 2.31
N LEU B 162 18.85 18.44 3.02
CA LEU B 162 17.74 17.52 2.92
C LEU B 162 16.73 18.14 1.97
N ASP B 163 16.58 17.59 0.79
CA ASP B 163 15.59 18.16 -0.14
C ASP B 163 14.18 17.59 0.09
N VAL B 164 13.21 18.37 -0.31
CA VAL B 164 11.81 18.07 -0.12
C VAL B 164 11.35 16.73 -0.80
N ASP B 165 11.92 16.42 -1.97
CA ASP B 165 11.69 15.12 -2.68
C ASP B 165 12.09 13.94 -1.75
N GLU B 166 13.27 14.05 -1.13
CA GLU B 166 13.78 13.00 -0.21
C GLU B 166 13.00 12.94 1.10
N MET B 167 12.75 14.07 1.74
CA MET B 167 11.97 14.05 2.98
C MET B 167 10.59 13.43 2.69
N THR B 168 10.01 13.66 1.51
CA THR B 168 8.67 13.14 1.23
C THR B 168 8.71 11.61 1.19
N ARG B 169 9.77 11.10 0.61
CA ARG B 169 9.95 9.67 0.51
C ARG B 169 10.07 9.03 1.87
N GLN B 170 10.84 9.64 2.77
CA GLN B 170 11.06 9.14 4.10
C GLN B 170 9.79 9.25 4.96
N HIS B 171 9.11 10.38 4.83
CA HIS B 171 7.79 10.57 5.46
C HIS B 171 6.79 9.46 5.13
N LEU B 172 6.69 9.04 3.85
CA LEU B 172 5.80 7.95 3.41
C LEU B 172 6.14 6.66 4.15
N GLY B 173 7.44 6.44 4.28
CA GLY B 173 7.97 5.28 4.98
C GLY B 173 7.61 5.33 6.45
N PHE B 174 7.77 6.50 7.04
CA PHE B 174 7.66 6.68 8.46
C PHE B 174 6.21 6.79 8.91
N TRP B 175 5.47 7.69 8.30
CA TRP B 175 4.11 7.91 8.74
C TRP B 175 3.07 6.94 8.11
N TYR B 176 3.35 6.44 6.91
CA TYR B 176 2.27 5.74 6.15
C TYR B 176 2.42 4.23 6.08
N THR B 177 3.65 3.73 5.97
CA THR B 177 3.87 2.29 5.66
C THR B 177 4.73 1.46 6.65
N MET B 178 5.31 2.12 7.65
CA MET B 178 6.22 1.45 8.56
C MET B 178 7.40 0.81 7.90
N ASP B 179 7.96 1.47 6.91
CA ASP B 179 9.14 0.97 6.21
C ASP B 179 10.33 0.87 7.17
N PRO B 180 10.95 -0.31 7.34
CA PRO B 180 12.03 -0.45 8.31
C PRO B 180 13.19 0.48 8.07
N ALA B 181 13.39 0.91 6.83
CA ALA B 181 14.56 1.74 6.47
C ALA B 181 14.36 3.21 6.82
N CYS B 182 13.11 3.56 7.19
CA CYS B 182 12.74 4.90 7.67
C CYS B 182 12.62 5.06 9.23
N GLU B 183 13.06 4.04 10.01
CA GLU B 183 13.05 4.11 11.49
C GLU B 183 13.96 5.21 11.99
N LYS B 184 13.51 5.85 13.05
CA LYS B 184 14.32 6.83 13.77
C LYS B 184 14.48 8.09 12.94
N LEU B 185 13.53 8.34 12.05
CA LEU B 185 13.55 9.57 11.24
C LEU B 185 13.54 10.89 12.06
N TYR B 186 12.87 10.87 13.22
CA TYR B 186 12.88 11.95 14.20
C TYR B 186 13.67 11.55 15.44
N GLY B 187 14.62 10.63 15.24
CA GLY B 187 15.50 10.13 16.28
C GLY B 187 14.66 9.49 17.37
N GLY B 188 15.03 9.71 18.61
CA GLY B 188 14.26 9.22 19.73
C GLY B 188 13.05 10.07 20.09
N ALA B 189 12.79 11.20 19.41
CA ALA B 189 11.55 12.00 19.68
C ALA B 189 10.18 11.39 19.40
N VAL B 190 10.07 10.61 18.31
CA VAL B 190 8.86 9.98 17.89
C VAL B 190 9.17 8.53 17.66
N PRO B 191 8.54 7.65 18.43
CA PRO B 191 8.85 6.21 18.30
C PRO B 191 8.29 5.60 17.05
I CZI C . -1.52 -15.69 -2.82
C14 CZI C . -1.62 -16.64 -4.71
C15 CZI C . -2.81 -17.21 -5.13
C16 CZI C . -2.89 -17.83 -6.41
C13 CZI C . -0.51 -16.67 -5.56
C12 CZI C . -0.59 -17.26 -6.83
C11 CZI C . -1.75 -17.83 -7.26
C10 CZI C . -1.84 -18.45 -8.63
C2 CZI C . -2.01 -17.42 -9.74
O33 CZI C . -0.75 -16.76 -9.91
O34 CZI C . -0.68 -15.32 -10.10
N1 CZI C . -2.50 -18.06 -10.96
C9 CZI C . -3.61 -17.46 -11.41
N4 CZI C . -3.97 -16.42 -10.66
C3 CZI C . -3.07 -16.35 -9.62
O18 CZI C . -3.05 -15.50 -8.73
C5 CZI C . -5.04 -15.67 -10.94
C8 CZI C . -4.35 -17.78 -12.61
C26 CZI C . -3.95 -18.96 -13.47
C27 CZI C . -4.83 -20.11 -13.37
C28 CZI C . -4.30 -21.32 -12.85
C29 CZI C . -5.16 -22.39 -12.81
C30 CZI C . -6.46 -22.26 -13.22
C31 CZI C . -6.98 -21.09 -13.77
C32 CZI C . -6.12 -19.98 -13.85
N7 CZI C . -5.43 -17.03 -12.85
C6 CZI C . -5.79 -15.97 -12.08
C19 CZI C . -6.99 -15.18 -12.51
C20 CZI C . -7.72 -15.60 -13.61
C21 CZI C . -8.84 -14.93 -14.08
C24 CZI C . -7.40 -14.01 -11.88
C23 CZI C . -8.55 -13.33 -12.37
C22 CZI C . -9.25 -13.76 -13.47
O25 CZI C . -10.37 -13.17 -14.03
I CZI D . 7.86 16.55 2.93
C14 CZI D . 7.55 17.50 4.78
C15 CZI D . 6.23 17.74 5.13
C16 CZI D . 5.93 18.29 6.36
C13 CZI D . 8.56 17.78 5.67
C12 CZI D . 8.25 18.33 6.93
C11 CZI D . 6.94 18.60 7.25
C10 CZI D . 6.55 19.20 8.58
C2 CZI D . 6.64 18.15 9.70
O33 CZI D . 7.99 17.78 9.92
O34 CZI D . 8.12 16.38 10.22
N1 CZI D . 5.98 18.61 10.90
C9 CZI D . 5.07 17.70 11.29
N4 CZI D . 5.02 16.64 10.51
C3 CZI D . 5.96 16.82 9.52
O18 CZI D . 6.25 15.99 8.63
C5 CZI D . 4.20 15.56 10.75
C8 CZI D . 4.14 17.80 12.40
C26 CZI D . 4.15 18.97 13.32
C27 CZI D . 3.01 19.90 13.18
C28 CZI D . 3.24 21.17 12.65
C29 CZI D . 2.20 22.02 12.53
C30 CZI D . 0.90 21.62 12.91
C31 CZI D . 0.68 20.33 13.40
C32 CZI D . 1.75 19.46 13.57
N7 CZI D . 3.31 16.77 12.57
C6 CZI D . 3.27 15.66 11.80
C19 CZI D . 2.31 14.55 12.20
C20 CZI D . 1.43 14.78 13.25
C21 CZI D . 0.51 13.81 13.67
C24 CZI D . 2.17 13.30 11.55
C23 CZI D . 1.25 12.33 11.97
C22 CZI D . 0.41 12.58 13.05
O25 CZI D . -0.48 11.67 13.52
#